data_8F5V
#
_entry.id   8F5V
#
_cell.length_a   75.027
_cell.length_b   76.732
_cell.length_c   53.261
_cell.angle_alpha   90.00
_cell.angle_beta   90.00
_cell.angle_gamma   90.00
#
_symmetry.space_group_name_H-M   'P 21 21 2'
#
loop_
_entity.id
_entity.type
_entity.pdbx_description
1 polymer 'Conserved protein'
2 non-polymer Mycothiol
3 non-polymer 'ZINC ION'
4 water water
#
_entity_poly.entity_id   1
_entity_poly.type   'polypeptide(L)'
_entity_poly.pdbx_seq_one_letter_code
;TDAAAQELLRDAFTRLIEHVDELTDGLTDQLASYRPTPSANSIAWLLWHSARVQDIQVAHVAGVEEVWTRDGWVDRFGLD
LPRHDTGYGHRPEDVAKVRAPADLLSGYYHAVHKLTLEYIAGMTADELSRVVDTSWNPPVTVSARLVSIVDDCAQHLGQA
AYLRGIA
;
_entity_poly.pdbx_strand_id   A,B
#
# COMPACT_ATOMS: atom_id res chain seq x y z
N THR A 1 -21.75 -2.65 -16.39
CA THR A 1 -21.67 -1.63 -15.33
C THR A 1 -20.74 -2.07 -14.21
N ASP A 2 -20.37 -3.35 -14.19
CA ASP A 2 -19.45 -3.90 -13.19
C ASP A 2 -18.00 -3.83 -13.63
N ALA A 3 -17.73 -3.46 -14.88
CA ALA A 3 -16.37 -3.53 -15.40
C ALA A 3 -15.45 -2.57 -14.68
N ALA A 4 -15.94 -1.38 -14.32
CA ALA A 4 -15.09 -0.35 -13.72
C ALA A 4 -14.56 -0.81 -12.36
N ALA A 5 -15.42 -1.35 -11.51
CA ALA A 5 -14.96 -1.83 -10.21
C ALA A 5 -14.08 -3.07 -10.34
N GLN A 6 -14.43 -3.98 -11.26
CA GLN A 6 -13.58 -5.13 -11.54
C GLN A 6 -12.17 -4.69 -11.93
N GLU A 7 -12.08 -3.70 -12.82
CA GLU A 7 -10.77 -3.25 -13.29
C GLU A 7 -9.96 -2.58 -12.18
N LEU A 8 -10.61 -1.77 -11.32
CA LEU A 8 -9.89 -1.18 -10.19
C LEU A 8 -9.29 -2.26 -9.31
N LEU A 9 -10.06 -3.33 -9.05
CA LEU A 9 -9.58 -4.39 -8.18
C LEU A 9 -8.50 -5.20 -8.86
N ARG A 10 -8.72 -5.58 -10.11
CA ARG A 10 -7.71 -6.35 -10.84
C ARG A 10 -6.39 -5.60 -10.89
N ASP A 11 -6.43 -4.30 -11.19
CA ASP A 11 -5.21 -3.50 -11.28
C ASP A 11 -4.53 -3.37 -9.92
N ALA A 12 -5.30 -3.10 -8.85
CA ALA A 12 -4.70 -2.96 -7.53
C ALA A 12 -3.99 -4.24 -7.10
N PHE A 13 -4.65 -5.38 -7.25
CA PHE A 13 -4.03 -6.65 -6.87
C PHE A 13 -2.86 -7.01 -7.79
N THR A 14 -2.93 -6.62 -9.06
CA THR A 14 -1.79 -6.84 -9.95
C THR A 14 -0.56 -6.07 -9.48
N ARG A 15 -0.74 -4.85 -8.96
CA ARG A 15 0.42 -4.10 -8.47
C ARG A 15 1.13 -4.87 -7.38
N LEU A 16 0.36 -5.51 -6.49
CA LEU A 16 0.92 -6.29 -5.40
C LEU A 16 1.81 -7.42 -5.92
N ILE A 17 1.29 -8.24 -6.85
CA ILE A 17 2.09 -9.38 -7.29
C ILE A 17 3.30 -8.91 -8.11
N GLU A 18 3.17 -7.78 -8.79
CA GLU A 18 4.32 -7.18 -9.48
C GLU A 18 5.41 -6.82 -8.48
N HIS A 19 5.02 -6.30 -7.30
CA HIS A 19 5.99 -5.98 -6.27
C HIS A 19 6.68 -7.25 -5.76
N VAL A 20 5.92 -8.33 -5.62
CA VAL A 20 6.50 -9.60 -5.21
C VAL A 20 7.61 -10.01 -6.18
N ASP A 21 7.36 -9.82 -7.48
CA ASP A 21 8.39 -10.13 -8.48
C ASP A 21 9.63 -9.27 -8.30
N GLU A 22 9.47 -7.97 -8.04
CA GLU A 22 10.64 -7.14 -7.80
C GLU A 22 11.39 -7.56 -6.53
N LEU A 23 10.64 -7.88 -5.46
CA LEU A 23 11.27 -8.16 -4.18
C LEU A 23 12.00 -9.49 -4.18
N THR A 24 11.47 -10.50 -4.86
CA THR A 24 12.11 -11.81 -4.85
C THR A 24 13.19 -11.95 -5.92
N ASP A 25 13.27 -11.02 -6.87
CA ASP A 25 14.29 -11.00 -7.92
C ASP A 25 15.68 -10.93 -7.29
N GLY A 26 16.44 -12.02 -7.38
CA GLY A 26 17.76 -12.06 -6.78
C GLY A 26 17.78 -12.09 -5.26
N LEU A 27 16.66 -12.41 -4.61
CA LEU A 27 16.57 -12.34 -3.15
C LEU A 27 17.23 -13.58 -2.53
N THR A 28 18.31 -13.37 -1.77
CA THR A 28 19.03 -14.45 -1.13
C THR A 28 18.42 -14.80 0.23
N ASP A 29 18.82 -15.97 0.75
CA ASP A 29 18.36 -16.42 2.04
C ASP A 29 18.72 -15.42 3.14
N GLN A 30 19.95 -14.92 3.12
CA GLN A 30 20.39 -14.01 4.17
C GLN A 30 19.61 -12.71 4.12
N LEU A 31 19.48 -12.12 2.93
CA LEU A 31 18.76 -10.86 2.83
C LEU A 31 17.30 -11.05 3.18
N ALA A 32 16.70 -12.17 2.76
CA ALA A 32 15.28 -12.39 3.04
C ALA A 32 15.01 -12.52 4.53
N SER A 33 15.96 -13.06 5.31
CA SER A 33 15.74 -13.25 6.74
C SER A 33 16.29 -12.11 7.60
N TYR A 34 16.94 -11.11 7.00
CA TYR A 34 17.57 -10.05 7.78
C TYR A 34 16.51 -9.24 8.54
N ARG A 35 16.82 -8.89 9.79
CA ARG A 35 15.96 -8.02 10.60
C ARG A 35 16.85 -6.93 11.18
N PRO A 36 16.53 -5.65 10.96
CA PRO A 36 17.40 -4.58 11.49
C PRO A 36 17.40 -4.49 13.00
N THR A 37 16.36 -4.99 13.66
CA THR A 37 16.28 -5.11 15.10
C THR A 37 15.60 -6.45 15.39
N PRO A 38 15.78 -7.01 16.58
CA PRO A 38 15.17 -8.32 16.87
C PRO A 38 13.65 -8.31 16.87
N SER A 39 13.00 -7.15 16.94
CA SER A 39 11.54 -7.11 16.91
C SER A 39 10.97 -6.65 15.58
N ALA A 40 11.82 -6.39 14.59
CA ALA A 40 11.39 -5.90 13.30
C ALA A 40 11.11 -7.09 12.36
N ASN A 41 10.26 -6.86 11.36
CA ASN A 41 9.93 -7.90 10.40
C ASN A 41 10.99 -8.00 9.30
N SER A 42 11.17 -9.21 8.80
CA SER A 42 12.07 -9.48 7.69
C SER A 42 11.29 -9.45 6.37
N ILE A 43 12.03 -9.38 5.26
CA ILE A 43 11.42 -9.48 3.94
C ILE A 43 10.63 -10.76 3.79
N ALA A 44 11.21 -11.89 4.22
CA ALA A 44 10.48 -13.16 4.13
C ALA A 44 9.16 -13.10 4.88
N TRP A 45 9.18 -12.54 6.10
CA TRP A 45 7.93 -12.41 6.86
C TRP A 45 6.93 -11.53 6.12
N LEU A 46 7.39 -10.40 5.57
CA LEU A 46 6.48 -9.48 4.91
C LEU A 46 5.84 -10.12 3.68
N LEU A 47 6.60 -10.90 2.93
CA LEU A 47 6.06 -11.55 1.74
C LEU A 47 5.10 -12.67 2.12
N TRP A 48 5.46 -13.48 3.13
CA TRP A 48 4.60 -14.56 3.59
C TRP A 48 3.32 -14.02 4.21
N HIS A 49 3.45 -13.02 5.11
CA HIS A 49 2.29 -12.48 5.80
C HIS A 49 1.32 -11.82 4.82
N SER A 50 1.85 -11.03 3.87
CA SER A 50 0.99 -10.43 2.85
C SER A 50 0.23 -11.49 2.06
N ALA A 51 0.91 -12.54 1.63
CA ALA A 51 0.26 -13.59 0.87
C ALA A 51 -0.80 -14.30 1.72
N ARG A 52 -0.48 -14.57 2.98
CA ARG A 52 -1.44 -15.22 3.88
C ARG A 52 -2.71 -14.37 4.07
N VAL A 53 -2.53 -13.08 4.37
CA VAL A 53 -3.67 -12.20 4.59
C VAL A 53 -4.57 -12.18 3.36
N GLN A 54 -3.95 -12.03 2.19
CA GLN A 54 -4.72 -12.01 0.95
C GLN A 54 -5.41 -13.35 0.70
N ASP A 55 -4.68 -14.47 0.86
CA ASP A 55 -5.25 -15.79 0.66
C ASP A 55 -6.44 -16.04 1.59
N ILE A 56 -6.23 -15.90 2.90
CA ILE A 56 -7.29 -16.25 3.83
C ILE A 56 -8.50 -15.35 3.65
N GLN A 57 -8.28 -14.07 3.36
CA GLN A 57 -9.42 -13.17 3.30
C GLN A 57 -10.13 -13.23 1.95
N VAL A 58 -9.39 -13.38 0.85
CA VAL A 58 -10.05 -13.58 -0.45
C VAL A 58 -10.79 -14.92 -0.46
N ALA A 59 -10.13 -15.98 0.02
CA ALA A 59 -10.78 -17.29 0.09
C ALA A 59 -12.06 -17.21 0.91
N HIS A 60 -12.05 -16.40 1.97
CA HIS A 60 -13.23 -16.29 2.82
C HIS A 60 -14.40 -15.68 2.05
N VAL A 61 -14.18 -14.55 1.37
CA VAL A 61 -15.28 -13.93 0.64
C VAL A 61 -15.66 -14.73 -0.60
N ALA A 62 -14.68 -15.39 -1.22
CA ALA A 62 -14.98 -16.25 -2.37
C ALA A 62 -15.67 -17.55 -1.96
N GLY A 63 -15.62 -17.90 -0.67
CA GLY A 63 -16.23 -19.13 -0.21
C GLY A 63 -15.51 -20.39 -0.61
N VAL A 64 -14.18 -20.34 -0.76
CA VAL A 64 -13.39 -21.48 -1.21
C VAL A 64 -12.25 -21.73 -0.22
N GLU A 65 -11.52 -22.82 -0.46
CA GLU A 65 -10.39 -23.18 0.40
C GLU A 65 -9.20 -22.29 0.11
N GLU A 66 -8.49 -21.88 1.17
CA GLU A 66 -7.26 -21.14 0.96
C GLU A 66 -6.26 -21.98 0.18
N VAL A 67 -5.54 -21.31 -0.72
CA VAL A 67 -4.49 -21.93 -1.52
C VAL A 67 -3.43 -22.58 -0.64
N TRP A 68 -3.10 -21.92 0.47
CA TRP A 68 -2.12 -22.41 1.44
C TRP A 68 -2.29 -23.89 1.77
N THR A 69 -3.53 -24.31 2.05
CA THR A 69 -3.79 -25.73 2.31
C THR A 69 -4.22 -26.49 1.07
N ARG A 70 -5.00 -25.87 0.18
CA ARG A 70 -5.53 -26.60 -0.98
C ARG A 70 -4.42 -27.20 -1.81
N ASP A 71 -3.36 -26.44 -2.06
CA ASP A 71 -2.25 -26.89 -2.90
C ASP A 71 -1.01 -27.25 -2.10
N GLY A 72 -1.10 -27.38 -0.78
CA GLY A 72 0.00 -27.90 0.00
C GLY A 72 1.14 -26.94 0.26
N TRP A 73 0.95 -25.64 0.02
CA TRP A 73 2.02 -24.69 0.28
C TRP A 73 2.43 -24.71 1.75
N VAL A 74 1.46 -24.87 2.65
CA VAL A 74 1.76 -24.96 4.08
C VAL A 74 2.81 -26.04 4.36
N ASP A 75 2.71 -27.17 3.67
CA ASP A 75 3.64 -28.27 3.91
C ASP A 75 4.98 -28.00 3.27
N ARG A 76 5.00 -27.35 2.10
N ARG A 76 5.00 -27.36 2.10
CA ARG A 76 6.25 -27.00 1.44
CA ARG A 76 6.26 -27.00 1.45
C ARG A 76 7.04 -25.98 2.25
C ARG A 76 7.05 -26.02 2.30
N PHE A 77 6.35 -25.08 2.96
CA PHE A 77 7.03 -24.11 3.81
C PHE A 77 7.53 -24.75 5.10
N GLY A 78 6.72 -25.63 5.69
CA GLY A 78 7.12 -26.29 6.93
C GLY A 78 7.43 -25.37 8.09
N LEU A 79 6.62 -24.33 8.28
CA LEU A 79 6.91 -23.39 9.34
C LEU A 79 6.46 -23.95 10.69
N ASP A 80 7.22 -23.59 11.73
CA ASP A 80 6.88 -23.95 13.10
C ASP A 80 5.89 -22.91 13.63
N LEU A 81 4.68 -22.99 13.08
CA LEU A 81 3.59 -22.06 13.36
C LEU A 81 2.29 -22.80 13.15
N PRO A 82 1.21 -22.36 13.77
CA PRO A 82 -0.09 -22.99 13.52
C PRO A 82 -0.43 -23.00 12.04
N ARG A 83 -1.21 -24.01 11.64
CA ARG A 83 -1.41 -24.31 10.22
C ARG A 83 -2.06 -23.15 9.48
N HIS A 84 -2.92 -22.37 10.13
CA HIS A 84 -3.61 -21.28 9.46
C HIS A 84 -3.09 -19.92 9.88
N ASP A 85 -1.99 -19.88 10.63
CA ASP A 85 -1.40 -18.61 11.03
C ASP A 85 -1.17 -17.72 9.82
N THR A 86 -1.51 -16.45 9.97
CA THR A 86 -1.23 -15.44 8.96
C THR A 86 -0.11 -14.49 9.36
N GLY A 87 0.32 -14.53 10.61
CA GLY A 87 1.28 -13.58 11.12
C GLY A 87 0.68 -12.45 11.91
N TYR A 88 -0.63 -12.23 11.79
CA TYR A 88 -1.25 -11.18 12.59
C TYR A 88 -1.03 -11.47 14.07
N GLY A 89 -0.54 -10.47 14.81
CA GLY A 89 -0.27 -10.67 16.21
C GLY A 89 1.02 -11.40 16.54
N HIS A 90 1.85 -11.68 15.55
CA HIS A 90 3.12 -12.35 15.86
C HIS A 90 3.97 -11.57 16.86
N ARG A 91 4.66 -12.31 17.70
CA ARG A 91 5.72 -11.75 18.53
C ARG A 91 7.06 -11.94 17.82
N PRO A 92 8.13 -11.29 18.28
CA PRO A 92 9.41 -11.44 17.61
C PRO A 92 9.88 -12.88 17.44
N GLU A 93 9.62 -13.75 18.43
CA GLU A 93 10.03 -15.14 18.31
C GLU A 93 9.24 -15.88 17.23
N ASP A 94 8.03 -15.43 16.91
CA ASP A 94 7.29 -16.00 15.80
C ASP A 94 7.83 -15.54 14.45
N VAL A 95 8.18 -14.25 14.35
CA VAL A 95 8.75 -13.70 13.12
C VAL A 95 9.98 -14.49 12.70
N ALA A 96 10.82 -14.87 13.66
CA ALA A 96 12.05 -15.60 13.38
C ALA A 96 11.77 -16.97 12.76
N LYS A 97 10.56 -17.51 12.90
CA LYS A 97 10.24 -18.82 12.35
C LYS A 97 9.96 -18.76 10.86
N VAL A 98 9.73 -17.57 10.32
CA VAL A 98 9.31 -17.49 8.92
C VAL A 98 10.57 -17.54 8.06
N ARG A 99 10.88 -18.75 7.58
CA ARG A 99 12.06 -19.06 6.80
C ARG A 99 11.58 -19.83 5.59
N ALA A 100 11.75 -19.25 4.41
CA ALA A 100 11.40 -19.95 3.17
C ALA A 100 12.20 -19.34 2.04
N PRO A 101 12.57 -20.12 1.02
CA PRO A 101 13.30 -19.57 -0.12
C PRO A 101 12.44 -18.63 -0.93
N ALA A 102 13.11 -17.72 -1.64
CA ALA A 102 12.43 -16.73 -2.47
C ALA A 102 11.48 -17.38 -3.46
N ASP A 103 11.87 -18.50 -4.05
CA ASP A 103 10.99 -19.12 -5.04
C ASP A 103 9.71 -19.68 -4.40
N LEU A 104 9.77 -20.09 -3.13
CA LEU A 104 8.54 -20.54 -2.47
C LEU A 104 7.68 -19.34 -2.06
N LEU A 105 8.31 -18.28 -1.59
CA LEU A 105 7.56 -17.07 -1.25
C LEU A 105 6.85 -16.54 -2.48
N SER A 106 7.55 -16.55 -3.62
CA SER A 106 6.96 -16.05 -4.86
C SER A 106 5.89 -17.01 -5.39
N GLY A 107 6.17 -18.31 -5.36
CA GLY A 107 5.20 -19.26 -5.88
C GLY A 107 3.90 -19.23 -5.10
N TYR A 108 3.97 -19.16 -3.77
CA TYR A 108 2.75 -19.09 -2.98
C TYR A 108 1.96 -17.83 -3.33
N TYR A 109 2.62 -16.66 -3.37
CA TYR A 109 1.86 -15.45 -3.68
C TYR A 109 1.26 -15.50 -5.08
N HIS A 110 1.97 -16.07 -6.04
CA HIS A 110 1.41 -16.16 -7.38
C HIS A 110 0.17 -17.05 -7.42
N ALA A 111 0.16 -18.11 -6.61
CA ALA A 111 -1.03 -18.93 -6.52
C ALA A 111 -2.17 -18.16 -5.86
N VAL A 112 -1.86 -17.35 -4.85
CA VAL A 112 -2.87 -16.51 -4.21
C VAL A 112 -3.41 -15.48 -5.20
N HIS A 113 -2.52 -14.92 -6.03
CA HIS A 113 -2.96 -13.95 -7.04
C HIS A 113 -3.91 -14.59 -8.04
N LYS A 114 -3.63 -15.83 -8.45
CA LYS A 114 -4.52 -16.50 -9.40
C LYS A 114 -5.91 -16.70 -8.79
N LEU A 115 -5.96 -17.17 -7.54
CA LEU A 115 -7.23 -17.25 -6.83
C LEU A 115 -7.93 -15.91 -6.81
N THR A 116 -7.19 -14.84 -6.50
CA THR A 116 -7.79 -13.52 -6.38
C THR A 116 -8.37 -13.04 -7.71
N LEU A 117 -7.61 -13.20 -8.81
CA LEU A 117 -8.10 -12.80 -10.13
C LEU A 117 -9.36 -13.56 -10.50
N GLU A 118 -9.43 -14.84 -10.17
CA GLU A 118 -10.61 -15.65 -10.49
C GLU A 118 -11.84 -15.11 -9.78
N TYR A 119 -11.68 -14.71 -8.52
CA TYR A 119 -12.77 -14.14 -7.74
C TYR A 119 -13.21 -12.79 -8.31
N ILE A 120 -12.23 -11.94 -8.65
CA ILE A 120 -12.57 -10.60 -9.15
C ILE A 120 -13.28 -10.68 -10.49
N ALA A 121 -12.96 -11.70 -11.30
CA ALA A 121 -13.54 -11.79 -12.63
C ALA A 121 -15.07 -11.87 -12.56
N GLY A 122 -15.62 -12.40 -11.48
CA GLY A 122 -17.06 -12.46 -11.33
C GLY A 122 -17.65 -11.40 -10.41
N MET A 123 -16.93 -10.29 -10.21
CA MET A 123 -17.38 -9.24 -9.30
C MET A 123 -18.58 -8.47 -9.83
N THR A 124 -19.56 -8.24 -8.95
CA THR A 124 -20.74 -7.43 -9.23
C THR A 124 -20.88 -6.38 -8.14
N ALA A 125 -21.73 -5.38 -8.39
CA ALA A 125 -22.02 -4.40 -7.35
C ALA A 125 -22.71 -5.07 -6.17
N ASP A 126 -23.59 -6.03 -6.44
CA ASP A 126 -24.27 -6.77 -5.38
C ASP A 126 -23.26 -7.48 -4.49
N GLU A 127 -22.25 -8.12 -5.09
CA GLU A 127 -21.24 -8.80 -4.29
C GLU A 127 -20.41 -7.82 -3.46
N LEU A 128 -20.06 -6.67 -4.04
CA LEU A 128 -19.27 -5.68 -3.31
C LEU A 128 -20.01 -5.17 -2.08
N SER A 129 -21.33 -5.13 -2.12
CA SER A 129 -22.11 -4.68 -0.98
C SER A 129 -22.53 -5.82 -0.05
N ARG A 130 -22.17 -7.06 -0.35
CA ARG A 130 -22.53 -8.16 0.53
C ARG A 130 -21.81 -8.02 1.87
N VAL A 131 -22.56 -8.22 2.95
CA VAL A 131 -22.00 -8.19 4.30
C VAL A 131 -21.28 -9.50 4.57
N VAL A 132 -20.09 -9.40 5.15
CA VAL A 132 -19.25 -10.54 5.45
C VAL A 132 -19.23 -10.74 6.96
N ASP A 133 -19.65 -11.92 7.40
CA ASP A 133 -19.73 -12.23 8.82
C ASP A 133 -18.34 -12.62 9.32
N THR A 134 -17.81 -11.82 10.25
CA THR A 134 -16.54 -12.11 10.89
C THR A 134 -16.71 -11.94 12.40
N SER A 135 -15.72 -12.41 13.16
CA SER A 135 -15.78 -12.29 14.61
C SER A 135 -15.57 -10.86 15.09
N TRP A 136 -15.04 -9.99 14.23
CA TRP A 136 -14.78 -8.60 14.61
C TRP A 136 -16.04 -7.79 14.41
N ASN A 137 -16.67 -7.39 15.50
CA ASN A 137 -17.74 -6.42 15.41
C ASN A 137 -17.11 -5.07 15.08
N PRO A 138 -17.49 -4.41 13.98
CA PRO A 138 -18.63 -4.76 13.14
C PRO A 138 -18.30 -5.66 11.94
N PRO A 139 -19.31 -6.36 11.42
CA PRO A 139 -19.16 -6.93 10.08
C PRO A 139 -18.83 -5.81 9.09
N VAL A 140 -18.33 -6.20 7.92
CA VAL A 140 -17.97 -5.24 6.88
C VAL A 140 -18.50 -5.75 5.54
N THR A 141 -18.47 -4.89 4.54
CA THR A 141 -18.84 -5.35 3.20
C THR A 141 -17.62 -5.96 2.52
N VAL A 142 -17.91 -6.76 1.48
CA VAL A 142 -16.86 -7.31 0.64
C VAL A 142 -15.93 -6.20 0.14
N SER A 143 -16.51 -5.08 -0.31
CA SER A 143 -15.71 -3.96 -0.78
C SER A 143 -14.70 -3.50 0.27
N ALA A 144 -15.16 -3.28 1.51
CA ALA A 144 -14.25 -2.83 2.56
C ALA A 144 -13.17 -3.87 2.86
N ARG A 145 -13.54 -5.15 2.84
CA ARG A 145 -12.57 -6.20 3.11
C ARG A 145 -11.49 -6.24 2.04
N LEU A 146 -11.88 -6.12 0.78
CA LEU A 146 -10.91 -6.08 -0.31
C LEU A 146 -9.98 -4.88 -0.21
N VAL A 147 -10.54 -3.72 0.13
CA VAL A 147 -9.71 -2.53 0.32
C VAL A 147 -8.74 -2.72 1.47
N SER A 148 -9.20 -3.38 2.54
CA SER A 148 -8.34 -3.68 3.69
C SER A 148 -7.16 -4.54 3.28
N ILE A 149 -7.42 -5.55 2.44
CA ILE A 149 -6.34 -6.42 1.97
C ILE A 149 -5.32 -5.62 1.17
N VAL A 150 -5.78 -4.87 0.16
CA VAL A 150 -4.84 -4.11 -0.66
C VAL A 150 -4.03 -3.17 0.21
N ASP A 151 -4.70 -2.50 1.15
CA ASP A 151 -4.00 -1.53 1.98
C ASP A 151 -2.95 -2.20 2.85
N ASP A 152 -3.29 -3.33 3.47
CA ASP A 152 -2.32 -4.01 4.32
C ASP A 152 -1.15 -4.54 3.50
N CYS A 153 -1.46 -5.23 2.41
CA CYS A 153 -0.41 -5.83 1.59
C CYS A 153 0.48 -4.78 0.95
N ALA A 154 -0.11 -3.69 0.43
CA ALA A 154 0.72 -2.65 -0.18
C ALA A 154 1.65 -2.02 0.85
N GLN A 155 1.15 -1.78 2.07
CA GLN A 155 2.04 -1.29 3.13
C GLN A 155 3.20 -2.24 3.37
N HIS A 156 2.91 -3.54 3.53
CA HIS A 156 3.98 -4.48 3.87
C HIS A 156 4.93 -4.68 2.71
N LEU A 157 4.42 -4.72 1.48
CA LEU A 157 5.31 -4.82 0.34
C LEU A 157 6.18 -3.58 0.21
N GLY A 158 5.64 -2.40 0.55
CA GLY A 158 6.46 -1.20 0.65
C GLY A 158 7.55 -1.32 1.71
N GLN A 159 7.19 -1.87 2.88
CA GLN A 159 8.20 -2.10 3.93
C GLN A 159 9.30 -3.01 3.44
N ALA A 160 8.94 -4.05 2.70
CA ALA A 160 9.95 -4.96 2.20
C ALA A 160 10.89 -4.27 1.21
N ALA A 161 10.35 -3.39 0.36
CA ALA A 161 11.20 -2.62 -0.54
C ALA A 161 12.15 -1.71 0.22
N TYR A 162 11.68 -1.12 1.32
CA TYR A 162 12.51 -0.22 2.13
C TYR A 162 13.63 -1.01 2.80
N LEU A 163 13.34 -2.23 3.22
N LEU A 163 13.35 -2.25 3.21
CA LEU A 163 14.32 -3.09 3.86
CA LEU A 163 14.33 -3.08 3.88
C LEU A 163 15.46 -3.43 2.93
C LEU A 163 15.47 -3.50 2.95
N ARG A 164 15.15 -3.81 1.69
CA ARG A 164 16.19 -4.11 0.71
C ARG A 164 17.18 -2.94 0.57
N GLY A 165 16.71 -1.72 0.75
CA GLY A 165 17.59 -0.56 0.71
C GLY A 165 18.40 -0.31 1.96
N ILE A 166 17.76 -0.35 3.14
CA ILE A 166 18.45 -0.01 4.39
C ILE A 166 19.38 -1.11 4.90
N ALA A 167 19.29 -2.31 4.36
CA ALA A 167 20.21 -3.38 4.73
C ALA A 167 21.60 -3.04 4.21
N THR B 1 -24.90 3.40 -10.91
CA THR B 1 -24.00 2.29 -11.13
C THR B 1 -22.53 2.71 -10.98
N ASP B 2 -22.29 3.98 -10.72
CA ASP B 2 -20.93 4.44 -10.43
C ASP B 2 -20.59 4.35 -8.95
N ALA B 3 -21.56 4.00 -8.10
CA ALA B 3 -21.34 4.02 -6.66
C ALA B 3 -20.27 3.02 -6.23
N ALA B 4 -20.25 1.83 -6.84
CA ALA B 4 -19.31 0.80 -6.41
C ALA B 4 -17.86 1.24 -6.61
N ALA B 5 -17.53 1.77 -7.79
CA ALA B 5 -16.17 2.22 -8.03
C ALA B 5 -15.83 3.45 -7.17
N GLN B 6 -16.78 4.36 -7.01
CA GLN B 6 -16.56 5.51 -6.15
C GLN B 6 -16.24 5.05 -4.73
N GLU B 7 -16.94 4.02 -4.26
CA GLU B 7 -16.75 3.54 -2.89
C GLU B 7 -15.38 2.88 -2.71
N LEU B 8 -14.95 2.07 -3.69
CA LEU B 8 -13.63 1.48 -3.61
C LEU B 8 -12.56 2.56 -3.44
N LEU B 9 -12.67 3.63 -4.22
CA LEU B 9 -11.68 4.70 -4.19
C LEU B 9 -11.78 5.52 -2.91
N ARG B 10 -13.00 5.92 -2.53
CA ARG B 10 -13.19 6.67 -1.30
C ARG B 10 -12.58 5.93 -0.11
N ASP B 11 -12.88 4.63 -0.01
CA ASP B 11 -12.37 3.81 1.08
C ASP B 11 -10.85 3.71 1.03
N ALA B 12 -10.29 3.44 -0.15
CA ALA B 12 -8.85 3.26 -0.24
C ALA B 12 -8.10 4.52 0.16
N PHE B 13 -8.54 5.68 -0.33
CA PHE B 13 -7.88 6.92 0.04
C PHE B 13 -8.09 7.25 1.51
N THR B 14 -9.27 6.89 2.07
CA THR B 14 -9.49 7.12 3.48
C THR B 14 -8.52 6.33 4.35
N ARG B 15 -8.18 5.11 3.94
CA ARG B 15 -7.20 4.36 4.73
C ARG B 15 -5.88 5.11 4.80
N LEU B 16 -5.50 5.78 3.71
CA LEU B 16 -4.23 6.50 3.68
C LEU B 16 -4.20 7.62 4.71
N ILE B 17 -5.28 8.43 4.76
CA ILE B 17 -5.28 9.55 5.70
C ILE B 17 -5.33 9.05 7.14
N GLU B 18 -5.96 7.89 7.37
CA GLU B 18 -5.92 7.29 8.69
C GLU B 18 -4.50 6.91 9.09
N HIS B 19 -3.72 6.40 8.13
CA HIS B 19 -2.31 6.11 8.41
C HIS B 19 -1.55 7.38 8.75
N VAL B 20 -1.85 8.47 8.04
CA VAL B 20 -1.19 9.74 8.33
C VAL B 20 -1.42 10.16 9.77
N ASP B 21 -2.66 10.00 10.28
CA ASP B 21 -2.93 10.36 11.66
C ASP B 21 -2.12 9.51 12.64
N GLU B 22 -2.07 8.20 12.40
CA GLU B 22 -1.27 7.31 13.27
C GLU B 22 0.21 7.68 13.23
N LEU B 23 0.72 8.01 12.04
CA LEU B 23 2.14 8.30 11.89
C LEU B 23 2.53 9.61 12.55
N THR B 24 1.63 10.58 12.63
CA THR B 24 2.00 11.89 13.15
C THR B 24 1.76 12.03 14.66
N ASP B 25 1.12 11.05 15.29
CA ASP B 25 1.00 11.05 16.75
C ASP B 25 2.37 10.79 17.38
N GLY B 26 2.85 11.72 18.20
CA GLY B 26 4.15 11.54 18.84
C GLY B 26 5.34 11.71 17.93
N LEU B 27 5.14 12.29 16.76
CA LEU B 27 6.20 12.48 15.77
C LEU B 27 6.96 13.76 16.11
N THR B 28 8.01 13.62 16.90
CA THR B 28 8.92 14.72 17.15
C THR B 28 9.77 15.01 15.92
N ASP B 29 10.47 16.15 15.96
CA ASP B 29 11.36 16.46 14.84
C ASP B 29 12.51 15.46 14.75
N GLN B 30 13.06 15.05 15.90
CA GLN B 30 14.11 14.01 15.91
C GLN B 30 13.62 12.74 15.23
N LEU B 31 12.40 12.31 15.55
CA LEU B 31 11.85 11.09 14.96
C LEU B 31 11.49 11.32 13.49
N ALA B 32 10.85 12.45 13.19
CA ALA B 32 10.41 12.71 11.81
C ALA B 32 11.57 12.80 10.84
N SER B 33 12.71 13.37 11.28
CA SER B 33 13.85 13.58 10.43
C SER B 33 14.86 12.44 10.48
N TYR B 34 14.63 11.44 11.32
CA TYR B 34 15.56 10.33 11.47
C TYR B 34 15.67 9.54 10.18
N ARG B 35 16.91 9.20 9.81
CA ARG B 35 17.17 8.32 8.69
C ARG B 35 17.94 7.12 9.21
N PRO B 36 17.44 5.90 9.04
CA PRO B 36 18.13 4.74 9.63
C PRO B 36 19.52 4.52 9.07
N THR B 37 19.79 4.97 7.85
CA THR B 37 21.09 5.00 7.22
C THR B 37 21.26 6.36 6.58
N PRO B 38 22.49 6.76 6.25
CA PRO B 38 22.71 8.13 5.73
C PRO B 38 21.87 8.46 4.51
N SER B 39 21.52 7.47 3.69
CA SER B 39 20.79 7.72 2.45
C SER B 39 19.31 7.39 2.53
N ALA B 40 18.85 6.77 3.62
CA ALA B 40 17.48 6.28 3.69
C ALA B 40 16.48 7.43 3.83
N ASN B 41 15.25 7.18 3.42
CA ASN B 41 14.21 8.21 3.56
C ASN B 41 13.74 8.28 5.01
N SER B 42 13.37 9.48 5.42
CA SER B 42 12.83 9.74 6.74
C SER B 42 11.30 9.69 6.71
N ILE B 43 10.72 9.62 7.90
CA ILE B 43 9.26 9.68 8.02
C ILE B 43 8.72 10.98 7.44
N ALA B 44 9.35 12.11 7.77
CA ALA B 44 8.91 13.39 7.20
C ALA B 44 8.90 13.34 5.68
N TRP B 45 10.00 12.84 5.07
CA TRP B 45 10.04 12.71 3.62
C TRP B 45 8.90 11.84 3.11
N LEU B 46 8.66 10.71 3.78
CA LEU B 46 7.65 9.76 3.29
C LEU B 46 6.25 10.36 3.36
N LEU B 47 5.96 11.12 4.43
CA LEU B 47 4.66 11.77 4.56
C LEU B 47 4.50 12.88 3.54
N TRP B 48 5.55 13.67 3.34
CA TRP B 48 5.49 14.80 2.42
C TRP B 48 5.38 14.32 0.98
N HIS B 49 6.24 13.36 0.61
CA HIS B 49 6.26 12.84 -0.75
C HIS B 49 4.95 12.16 -1.10
N SER B 50 4.39 11.39 -0.16
CA SER B 50 3.11 10.74 -0.43
CA SER B 50 3.11 10.73 -0.42
C SER B 50 2.03 11.76 -0.70
N ALA B 51 1.96 12.81 0.12
CA ALA B 51 0.95 13.85 -0.05
C ALA B 51 1.16 14.57 -1.38
N ARG B 52 2.42 14.84 -1.73
CA ARG B 52 2.74 15.56 -2.96
C ARG B 52 2.34 14.76 -4.19
N VAL B 53 2.69 13.46 -4.21
CA VAL B 53 2.33 12.59 -5.34
C VAL B 53 0.81 12.54 -5.50
N GLN B 54 0.10 12.36 -4.39
CA GLN B 54 -1.36 12.31 -4.47
C GLN B 54 -1.93 13.64 -4.94
N ASP B 55 -1.43 14.75 -4.38
CA ASP B 55 -1.92 16.08 -4.76
C ASP B 55 -1.70 16.34 -6.24
N ILE B 56 -0.46 16.19 -6.72
CA ILE B 56 -0.14 16.60 -8.07
C ILE B 56 -0.86 15.70 -9.09
N GLN B 57 -0.97 14.40 -8.79
CA GLN B 57 -1.58 13.48 -9.75
C GLN B 57 -3.11 13.58 -9.74
N VAL B 58 -3.72 13.71 -8.54
CA VAL B 58 -5.17 13.92 -8.52
C VAL B 58 -5.52 15.27 -9.14
N ALA B 59 -4.80 16.33 -8.77
CA ALA B 59 -5.09 17.64 -9.33
C ALA B 59 -5.00 17.62 -10.86
N HIS B 60 -4.03 16.87 -11.40
CA HIS B 60 -3.88 16.78 -12.86
C HIS B 60 -5.08 16.10 -13.51
N VAL B 61 -5.47 14.92 -13.02
CA VAL B 61 -6.61 14.25 -13.65
C VAL B 61 -7.91 15.02 -13.41
N ALA B 62 -8.03 15.71 -12.27
CA ALA B 62 -9.24 16.47 -11.97
C ALA B 62 -9.29 17.81 -12.67
N GLY B 63 -8.19 18.27 -13.26
CA GLY B 63 -8.17 19.59 -13.89
C GLY B 63 -8.30 20.75 -12.93
N VAL B 64 -7.73 20.65 -11.73
CA VAL B 64 -7.79 21.71 -10.73
C VAL B 64 -6.38 21.97 -10.21
N GLU B 65 -6.24 23.03 -9.43
CA GLU B 65 -4.94 23.36 -8.86
C GLU B 65 -4.59 22.44 -7.68
N GLU B 66 -3.32 22.05 -7.59
CA GLU B 66 -2.85 21.32 -6.41
C GLU B 66 -3.08 22.18 -5.17
N VAL B 67 -3.46 21.54 -4.06
CA VAL B 67 -3.68 22.30 -2.83
C VAL B 67 -2.38 22.83 -2.26
N TRP B 68 -1.25 22.16 -2.54
CA TRP B 68 0.07 22.63 -2.12
C TRP B 68 0.25 24.11 -2.39
N THR B 69 -0.11 24.54 -3.61
CA THR B 69 -0.03 25.95 -3.98
C THR B 69 -1.34 26.69 -3.75
N ARG B 70 -2.49 26.08 -4.05
CA ARG B 70 -3.77 26.77 -3.95
C ARG B 70 -3.97 27.40 -2.58
N ASP B 71 -3.68 26.65 -1.52
CA ASP B 71 -3.89 27.10 -0.16
C ASP B 71 -2.59 27.46 0.56
N GLY B 72 -1.48 27.56 -0.18
CA GLY B 72 -0.26 28.11 0.39
C GLY B 72 0.47 27.19 1.34
N TRP B 73 0.23 25.88 1.28
CA TRP B 73 0.98 24.95 2.11
C TRP B 73 2.47 25.03 1.78
N VAL B 74 2.80 25.19 0.50
CA VAL B 74 4.20 25.26 0.09
C VAL B 74 4.90 26.38 0.83
N ASP B 75 4.21 27.50 1.04
CA ASP B 75 4.82 28.65 1.71
C ASP B 75 4.94 28.41 3.21
N ARG B 76 3.97 27.71 3.79
CA ARG B 76 4.04 27.40 5.22
C ARG B 76 5.16 26.42 5.51
N PHE B 77 5.39 25.46 4.61
CA PHE B 77 6.49 24.52 4.77
C PHE B 77 7.83 25.24 4.63
N GLY B 78 7.95 26.08 3.60
CA GLY B 78 9.19 26.84 3.39
C GLY B 78 10.41 25.98 3.16
N LEU B 79 10.26 24.88 2.42
CA LEU B 79 11.37 23.98 2.12
C LEU B 79 12.31 24.61 1.10
N ASP B 80 13.59 24.27 1.22
CA ASP B 80 14.59 24.71 0.25
C ASP B 80 14.63 23.75 -0.95
N LEU B 81 13.50 23.67 -1.63
CA LEU B 81 13.29 22.79 -2.77
C LEU B 81 12.40 23.51 -3.76
N PRO B 82 12.40 23.09 -5.02
CA PRO B 82 11.54 23.75 -6.01
C PRO B 82 10.06 23.68 -5.62
N ARG B 83 9.32 24.72 -6.03
CA ARG B 83 7.94 24.91 -5.59
C ARG B 83 7.04 23.72 -5.93
N HIS B 84 7.36 22.95 -6.96
CA HIS B 84 6.48 21.90 -7.41
C HIS B 84 7.09 20.53 -7.20
N ASP B 85 8.28 20.46 -6.59
CA ASP B 85 8.97 19.22 -6.29
C ASP B 85 8.05 18.27 -5.52
N THR B 86 8.08 16.99 -5.89
CA THR B 86 7.38 15.95 -5.17
C THR B 86 8.30 14.98 -4.45
N GLY B 87 9.62 15.09 -4.64
CA GLY B 87 10.56 14.13 -4.08
C GLY B 87 10.92 12.99 -5.00
N TYR B 88 10.17 12.79 -6.08
CA TYR B 88 10.55 11.77 -7.04
C TYR B 88 11.93 12.09 -7.61
N GLY B 89 12.83 11.11 -7.54
CA GLY B 89 14.19 11.31 -8.00
C GLY B 89 15.09 12.06 -7.07
N HIS B 90 14.66 12.29 -5.82
CA HIS B 90 15.50 12.99 -4.86
C HIS B 90 16.81 12.24 -4.62
N ARG B 91 17.88 13.00 -4.43
CA ARG B 91 19.15 12.48 -3.95
C ARG B 91 19.17 12.52 -2.43
N PRO B 92 20.12 11.82 -1.79
CA PRO B 92 20.18 11.84 -0.31
C PRO B 92 20.19 13.24 0.28
N GLU B 93 20.93 14.18 -0.33
CA GLU B 93 20.99 15.55 0.18
C GLU B 93 19.67 16.29 -0.01
N ASP B 94 18.85 15.88 -0.99
CA ASP B 94 17.54 16.49 -1.17
C ASP B 94 16.57 16.01 -0.10
N VAL B 95 16.62 14.72 0.23
CA VAL B 95 15.79 14.16 1.28
C VAL B 95 15.98 14.92 2.59
N ALA B 96 17.23 15.30 2.88
CA ALA B 96 17.53 16.01 4.11
C ALA B 96 16.83 17.37 4.19
N LYS B 97 16.44 17.95 3.05
CA LYS B 97 15.77 19.24 3.03
C LYS B 97 14.30 19.16 3.43
N VAL B 98 13.70 17.97 3.47
CA VAL B 98 12.32 17.85 3.86
C VAL B 98 12.19 17.82 5.37
N ARG B 99 11.97 18.99 5.95
CA ARG B 99 11.85 19.14 7.40
C ARG B 99 10.62 19.99 7.65
N ALA B 100 9.70 19.48 8.46
CA ALA B 100 8.46 20.17 8.76
C ALA B 100 7.86 19.54 10.01
N PRO B 101 7.17 20.32 10.82
CA PRO B 101 6.53 19.75 12.01
C PRO B 101 5.40 18.81 11.63
N ALA B 102 5.12 17.89 12.54
CA ALA B 102 4.07 16.90 12.31
C ALA B 102 2.74 17.55 11.96
N ASP B 103 2.41 18.67 12.61
CA ASP B 103 1.14 19.33 12.34
C ASP B 103 1.03 19.81 10.90
N LEU B 104 2.14 20.22 10.30
CA LEU B 104 2.11 20.68 8.93
C LEU B 104 2.05 19.50 7.97
N LEU B 105 2.81 18.44 8.27
CA LEU B 105 2.75 17.23 7.46
C LEU B 105 1.32 16.69 7.44
N SER B 106 0.67 16.66 8.60
CA SER B 106 -0.70 16.16 8.67
C SER B 106 -1.68 17.13 8.03
N GLY B 107 -1.54 18.42 8.31
CA GLY B 107 -2.48 19.39 7.75
C GLY B 107 -2.48 19.36 6.22
N TYR B 108 -1.31 19.34 5.61
CA TYR B 108 -1.22 19.27 4.16
C TYR B 108 -1.89 17.99 3.63
N TYR B 109 -1.58 16.83 4.22
CA TYR B 109 -2.19 15.61 3.68
C TYR B 109 -3.71 15.66 3.82
N HIS B 110 -4.21 16.23 4.92
CA HIS B 110 -5.65 16.30 5.07
C HIS B 110 -6.28 17.18 3.99
N ALA B 111 -5.60 18.27 3.59
CA ALA B 111 -6.10 19.08 2.50
C ALA B 111 -6.07 18.31 1.18
N VAL B 112 -5.04 17.49 0.98
CA VAL B 112 -4.95 16.66 -0.23
C VAL B 112 -6.08 15.64 -0.23
N HIS B 113 -6.34 15.02 0.92
CA HIS B 113 -7.44 14.07 1.05
C HIS B 113 -8.78 14.70 0.66
N LYS B 114 -9.04 15.92 1.16
CA LYS B 114 -10.28 16.60 0.80
C LYS B 114 -10.41 16.79 -0.70
N LEU B 115 -9.35 17.29 -1.34
CA LEU B 115 -9.35 17.44 -2.79
C LEU B 115 -9.63 16.11 -3.47
N THR B 116 -9.01 15.03 -3.00
CA THR B 116 -9.17 13.72 -3.63
C THR B 116 -10.60 13.23 -3.53
N LEU B 117 -11.21 13.35 -2.35
CA LEU B 117 -12.59 12.90 -2.18
C LEU B 117 -13.55 13.72 -3.03
N GLU B 118 -13.26 15.02 -3.20
CA GLU B 118 -14.09 15.83 -4.08
C GLU B 118 -14.05 15.33 -5.52
N TYR B 119 -12.88 14.90 -5.99
CA TYR B 119 -12.76 14.35 -7.33
C TYR B 119 -13.47 12.99 -7.42
N ILE B 120 -13.31 12.14 -6.41
CA ILE B 120 -13.95 10.83 -6.42
C ILE B 120 -15.46 10.95 -6.45
N ALA B 121 -16.01 11.94 -5.74
CA ALA B 121 -17.45 12.07 -5.61
C ALA B 121 -18.14 12.30 -6.94
N GLY B 122 -17.40 12.76 -7.95
CA GLY B 122 -17.92 12.91 -9.29
C GLY B 122 -17.48 11.83 -10.27
N MET B 123 -16.83 10.77 -9.80
CA MET B 123 -16.21 9.82 -10.69
C MET B 123 -17.26 8.96 -11.40
N THR B 124 -17.04 8.71 -12.70
CA THR B 124 -17.91 7.87 -13.51
C THR B 124 -17.08 6.80 -14.21
N ALA B 125 -17.79 5.78 -14.75
CA ALA B 125 -17.12 4.77 -15.56
C ALA B 125 -16.39 5.37 -16.75
N ASP B 126 -17.02 6.33 -17.44
CA ASP B 126 -16.37 6.97 -18.58
C ASP B 126 -15.10 7.70 -18.14
N GLU B 127 -15.14 8.38 -17.00
CA GLU B 127 -13.95 9.05 -16.52
C GLU B 127 -12.84 8.06 -16.21
N LEU B 128 -13.19 6.92 -15.60
CA LEU B 128 -12.19 5.93 -15.24
C LEU B 128 -11.46 5.38 -16.46
N SER B 129 -12.14 5.30 -17.61
CA SER B 129 -11.51 4.80 -18.83
C SER B 129 -10.82 5.89 -19.65
N ARG B 130 -10.89 7.15 -19.23
CA ARG B 130 -10.26 8.21 -20.01
C ARG B 130 -8.74 8.07 -19.99
N VAL B 131 -8.12 8.24 -21.15
CA VAL B 131 -6.68 8.07 -21.30
C VAL B 131 -5.96 9.35 -20.94
N VAL B 132 -5.10 9.28 -19.92
CA VAL B 132 -4.37 10.45 -19.43
C VAL B 132 -2.91 10.45 -19.90
N ASP B 133 -2.39 9.33 -20.38
CA ASP B 133 -1.07 9.29 -21.02
C ASP B 133 -1.17 8.36 -22.23
N THR B 134 -1.27 8.97 -23.41
CA THR B 134 -1.29 8.19 -24.65
C THR B 134 0.08 7.66 -25.01
N SER B 135 1.15 8.25 -24.47
CA SER B 135 2.50 7.90 -24.88
C SER B 135 3.03 6.65 -24.18
N TRP B 136 2.48 6.29 -23.03
CA TRP B 136 2.93 5.12 -22.31
C TRP B 136 2.38 3.86 -22.99
N ASN B 137 3.02 2.73 -22.73
CA ASN B 137 2.59 1.45 -23.27
C ASN B 137 2.47 0.45 -22.13
N PRO B 138 1.25 0.03 -21.73
CA PRO B 138 -0.04 0.43 -22.32
C PRO B 138 -0.42 1.86 -21.94
N PRO B 139 -1.32 2.49 -22.70
CA PRO B 139 -1.74 3.85 -22.36
C PRO B 139 -2.35 3.90 -20.96
N VAL B 140 -2.05 4.97 -20.24
CA VAL B 140 -2.47 5.12 -18.86
C VAL B 140 -3.86 5.75 -18.82
N THR B 141 -4.78 5.10 -18.12
CA THR B 141 -6.12 5.61 -17.88
C THR B 141 -6.20 6.27 -16.50
N VAL B 142 -7.30 6.98 -16.28
CA VAL B 142 -7.57 7.58 -14.97
C VAL B 142 -7.58 6.48 -13.91
N SER B 143 -8.29 5.37 -14.18
CA SER B 143 -8.31 4.23 -13.26
C SER B 143 -6.90 3.78 -12.89
N ALA B 144 -6.05 3.53 -13.87
CA ALA B 144 -4.69 3.07 -13.58
C ALA B 144 -3.88 4.15 -12.85
N ARG B 145 -4.09 5.42 -13.20
CA ARG B 145 -3.38 6.48 -12.49
C ARG B 145 -3.77 6.53 -11.02
N LEU B 146 -5.07 6.41 -10.72
CA LEU B 146 -5.52 6.40 -9.34
C LEU B 146 -4.98 5.19 -8.59
N VAL B 147 -4.97 4.02 -9.23
CA VAL B 147 -4.42 2.83 -8.57
C VAL B 147 -2.94 3.03 -8.28
N SER B 148 -2.21 3.65 -9.22
CA SER B 148 -0.79 3.94 -9.01
C SER B 148 -0.59 4.85 -7.81
N ILE B 149 -1.48 5.83 -7.62
CA ILE B 149 -1.35 6.73 -6.47
C ILE B 149 -1.56 5.96 -5.16
N VAL B 150 -2.66 5.21 -5.07
CA VAL B 150 -2.91 4.44 -3.85
C VAL B 150 -1.74 3.51 -3.57
N ASP B 151 -1.24 2.83 -4.61
CA ASP B 151 -0.16 1.87 -4.39
C ASP B 151 1.13 2.56 -3.94
N ASP B 152 1.50 3.69 -4.55
CA ASP B 152 2.74 4.36 -4.13
C ASP B 152 2.59 4.90 -2.71
N CYS B 153 1.46 5.55 -2.43
CA CYS B 153 1.25 6.17 -1.13
C CYS B 153 1.15 5.13 -0.03
N ALA B 154 0.39 4.04 -0.26
CA ALA B 154 0.30 2.98 0.74
C ALA B 154 1.66 2.37 1.02
N GLN B 155 2.47 2.14 -0.04
CA GLN B 155 3.83 1.64 0.18
C GLN B 155 4.64 2.58 1.07
N HIS B 156 4.60 3.88 0.76
CA HIS B 156 5.44 4.81 1.51
C HIS B 156 4.95 5.00 2.93
N LEU B 157 3.63 5.05 3.12
CA LEU B 157 3.12 5.17 4.47
C LEU B 157 3.42 3.91 5.26
N GLY B 158 3.43 2.75 4.60
CA GLY B 158 3.88 1.54 5.26
C GLY B 158 5.34 1.63 5.65
N GLN B 159 6.18 2.15 4.75
CA GLN B 159 7.59 2.35 5.07
C GLN B 159 7.75 3.25 6.28
N ALA B 160 6.96 4.31 6.35
CA ALA B 160 7.06 5.22 7.49
C ALA B 160 6.71 4.50 8.79
N ALA B 161 5.67 3.65 8.78
CA ALA B 161 5.32 2.92 9.99
C ALA B 161 6.43 1.94 10.39
N TYR B 162 7.08 1.33 9.40
CA TYR B 162 8.20 0.42 9.69
C TYR B 162 9.35 1.18 10.34
N LEU B 163 9.68 2.36 9.81
CA LEU B 163 10.77 3.17 10.36
C LEU B 163 10.48 3.58 11.78
N ARG B 164 9.25 4.00 12.05
CA ARG B 164 8.87 4.40 13.40
C ARG B 164 9.16 3.27 14.38
N GLY B 165 8.94 2.02 13.97
CA GLY B 165 9.16 0.92 14.88
C GLY B 165 10.60 0.52 15.08
N ILE B 166 11.49 0.85 14.13
CA ILE B 166 12.91 0.52 14.27
C ILE B 166 13.76 1.69 14.78
N ALA B 167 13.17 2.86 14.98
CA ALA B 167 13.94 4.02 15.41
C ALA B 167 14.56 3.83 16.80
#